data_4V0G
#
_entry.id   4V0G
#
_cell.length_a   57.140
_cell.length_b   99.032
_cell.length_c   111.373
_cell.angle_alpha   90.00
_cell.angle_beta   90.00
_cell.angle_gamma   90.00
#
_symmetry.space_group_name_H-M   'P 21 21 21'
#
loop_
_entity.id
_entity.type
_entity.pdbx_description
1 polymer 'TYROSINE-PROTEIN KINASE JAK3'
2 polymer 'TYROSINE-PROTEIN KINASE JAK3'
3 non-polymer N-[3-(2-{3-amino-6-[1-(1-methylpiperidin-4-yl)-1H-pyrazol-4-yl]pyrazin-2-yl}-1H-benzimidazol-1-yl)phenyl]propanamide
4 water water
#
loop_
_entity_poly.entity_id
_entity_poly.type
_entity_poly.pdbx_seq_one_letter_code
_entity_poly.pdbx_strand_id
1 'polypeptide(L)'
;IFEERHLKYISQLGKGNFGSVELCRYDPLGDNTGALVAVKQLQHSGPDQQRDFQREIQILKALHSDFIVKYRGVSYGPGE
PSLRLVMEYLPSGCLRDFLQRHRARLDASRLLLYSSQICKGMEYLGSRRCVHRDLAARNILVESEAHVKIADFGLAKLLP
LDKD(PTR)(PTR)VVREPGQSPIFWYAPESLSDNIFSRQSDVWSFGVVLYELFTYCDKSCSPSAEFLRMMGCERDVPAL
SRLLELLEEGQRLPAPPACPAEVHELMKLCWAPSPQDRPSFSALGPQLDML
;
A
2 'polypeptide(L)'
;IFEERHLKYISQLGKGNFGSVELCRYDPLGDNTGALVAVKQLQHSGPDQQRDFQREIQILKALHSDFIVKYRGVSYGPGE
PSLRLVMEYLPSGCLRDFLQRHRARLDASRLLLYSSQICKGMEYLGSRRCVHRDLAARNILVESEAHVKIADFGLAKLLP
LDKD(PTR)(PTR)VVREPGQSPIFWYAPESLSDNIFSRQSDVWSFGVVLYELFTYCDKSCSPSAEFLRMMGSERDVPAL
SRLLELLEEGQRLPAPPACPAEVHELMKLCWAPSPQDRPSFSALGPQLDML
;
B
#
# COMPACT_ATOMS: atom_id res chain seq x y z
N PHE A 2 17.29 13.58 -10.27
CA PHE A 2 17.79 13.56 -11.68
C PHE A 2 16.96 14.46 -12.61
N GLU A 3 17.63 15.38 -13.30
CA GLU A 3 16.97 16.29 -14.23
C GLU A 3 16.66 15.62 -15.58
N GLU A 4 15.38 15.49 -15.90
CA GLU A 4 14.92 14.84 -17.14
C GLU A 4 15.79 15.11 -18.36
N ARG A 5 16.04 16.38 -18.62
CA ARG A 5 16.79 16.82 -19.80
C ARG A 5 18.22 16.28 -19.82
N HIS A 6 18.80 16.03 -18.65
CA HIS A 6 20.15 15.46 -18.55
C HIS A 6 20.19 13.93 -18.63
N LEU A 7 19.07 13.26 -18.37
CA LEU A 7 18.96 11.83 -18.63
C LEU A 7 18.96 11.60 -20.13
N LYS A 8 20.13 11.63 -20.73
CA LYS A 8 20.24 11.52 -22.17
C LYS A 8 20.07 10.06 -22.60
N TYR A 9 19.04 9.83 -23.41
CA TYR A 9 18.67 8.50 -23.90
C TYR A 9 19.79 7.82 -24.66
N ILE A 10 19.95 6.52 -24.46
CA ILE A 10 20.90 5.72 -25.21
C ILE A 10 20.16 4.63 -25.97
N SER A 11 19.51 3.73 -25.24
CA SER A 11 18.82 2.60 -25.85
C SER A 11 17.76 2.00 -24.94
N GLN A 12 16.93 1.13 -25.51
CA GLN A 12 15.84 0.46 -24.79
C GLN A 12 16.25 -0.97 -24.47
N LEU A 13 16.05 -1.37 -23.22
CA LEU A 13 16.50 -2.68 -22.73
C LEU A 13 15.38 -3.72 -22.69
N GLY A 14 14.16 -3.28 -22.40
CA GLY A 14 12.99 -4.16 -22.34
C GLY A 14 11.68 -3.41 -22.42
N LYS A 15 10.65 -4.07 -22.98
CA LYS A 15 9.35 -3.45 -23.21
C LYS A 15 8.25 -4.33 -22.63
N GLY A 16 7.50 -3.79 -21.68
CA GLY A 16 6.48 -4.56 -20.95
C GLY A 16 5.08 -4.35 -21.46
N ASN A 17 4.10 -4.78 -20.67
CA ASN A 17 2.69 -4.59 -20.99
C ASN A 17 2.29 -3.12 -20.88
N PHE A 18 2.50 -2.54 -19.70
CA PHE A 18 2.14 -1.15 -19.41
C PHE A 18 3.37 -0.21 -19.41
N GLY A 19 4.53 -0.74 -19.04
CA GLY A 19 5.75 0.06 -18.91
C GLY A 19 7.03 -0.61 -19.38
N SER A 20 8.04 0.22 -19.70
CA SER A 20 9.28 -0.22 -20.31
C SER A 20 10.50 0.44 -19.66
N VAL A 21 11.65 -0.21 -19.80
CA VAL A 21 12.90 0.23 -19.19
C VAL A 21 13.89 0.67 -20.26
N GLU A 22 14.65 1.72 -19.95
CA GLU A 22 15.58 2.30 -20.92
C GLU A 22 16.99 2.45 -20.35
N LEU A 23 17.98 2.38 -21.23
CA LEU A 23 19.36 2.66 -20.86
C LEU A 23 19.66 4.12 -21.11
N CYS A 24 20.14 4.82 -20.07
CA CYS A 24 20.48 6.23 -20.18
C CYS A 24 21.84 6.55 -19.58
N ARG A 25 22.39 7.68 -19.97
CA ARG A 25 23.61 8.20 -19.39
C ARG A 25 23.29 9.51 -18.72
N TYR A 26 23.60 9.63 -17.43
CA TYR A 26 23.35 10.88 -16.71
C TYR A 26 24.55 11.81 -16.82
N ASP A 27 24.47 12.71 -17.80
CA ASP A 27 25.53 13.62 -18.14
C ASP A 27 25.08 15.05 -17.82
N PRO A 28 25.17 15.47 -16.55
CA PRO A 28 24.71 16.80 -16.16
C PRO A 28 25.64 17.91 -16.67
N LEU A 29 26.94 17.63 -16.75
CA LEU A 29 27.92 18.59 -17.28
C LEU A 29 27.73 18.84 -18.78
N GLY A 30 26.99 17.96 -19.45
CA GLY A 30 26.67 18.12 -20.87
C GLY A 30 27.82 17.79 -21.80
N ASP A 31 28.71 16.88 -21.36
CA ASP A 31 29.89 16.50 -22.14
C ASP A 31 30.06 14.98 -22.28
N ASN A 32 28.98 14.29 -22.67
CA ASN A 32 29.01 12.84 -22.98
C ASN A 32 29.81 11.93 -22.01
N THR A 33 29.88 12.31 -20.73
CA THR A 33 30.79 11.68 -19.75
C THR A 33 30.09 11.15 -18.48
N GLY A 34 28.79 10.90 -18.55
CA GLY A 34 27.99 10.61 -17.36
C GLY A 34 28.17 9.24 -16.74
N ALA A 35 27.13 8.78 -16.05
CA ALA A 35 27.08 7.45 -15.42
C ALA A 35 25.88 6.66 -15.95
N LEU A 36 26.08 5.39 -16.25
CA LEU A 36 25.08 4.57 -16.94
C LEU A 36 24.04 4.00 -15.98
N VAL A 37 22.79 4.37 -16.19
CA VAL A 37 21.71 3.96 -15.30
C VAL A 37 20.58 3.32 -16.08
N ALA A 38 19.82 2.47 -15.40
CA ALA A 38 18.57 1.93 -15.94
C ALA A 38 17.42 2.78 -15.44
N VAL A 39 16.56 3.19 -16.37
CA VAL A 39 15.43 4.08 -16.08
C VAL A 39 14.14 3.38 -16.50
N LYS A 40 13.11 3.46 -15.66
CA LYS A 40 11.85 2.74 -15.86
C LYS A 40 10.65 3.69 -15.86
N GLN A 41 9.78 3.56 -16.85
CA GLN A 41 8.55 4.37 -16.94
C GLN A 41 7.36 3.47 -17.23
N LEU A 42 6.16 4.03 -17.10
CA LEU A 42 4.93 3.39 -17.60
C LEU A 42 4.38 4.26 -18.75
N GLN A 43 4.13 3.65 -19.90
CA GLN A 43 3.60 4.38 -21.06
C GLN A 43 2.07 4.56 -20.94
N HIS A 44 1.30 3.58 -21.41
CA HIS A 44 -0.16 3.59 -21.28
C HIS A 44 -0.52 2.75 -20.05
N SER A 45 -1.10 3.39 -19.04
CA SER A 45 -1.24 2.76 -17.73
C SER A 45 -2.42 3.34 -16.97
N GLY A 46 -3.37 2.48 -16.62
CA GLY A 46 -4.52 2.88 -15.80
C GLY A 46 -4.08 3.25 -14.40
N PRO A 47 -4.88 4.04 -13.67
CA PRO A 47 -4.57 4.42 -12.29
C PRO A 47 -4.06 3.27 -11.42
N ASP A 48 -4.63 2.08 -11.59
CA ASP A 48 -4.18 0.88 -10.87
C ASP A 48 -2.67 0.62 -10.97
N GLN A 49 -2.09 0.94 -12.13
CA GLN A 49 -0.67 0.68 -12.37
C GLN A 49 0.23 1.81 -11.87
N GLN A 50 -0.35 3.01 -11.71
CA GLN A 50 0.38 4.16 -11.18
C GLN A 50 0.58 4.04 -9.68
N ARG A 51 -0.48 3.68 -8.98
CA ARG A 51 -0.41 3.42 -7.54
C ARG A 51 0.67 2.37 -7.24
N ASP A 52 0.78 1.37 -8.11
CA ASP A 52 1.78 0.31 -7.96
C ASP A 52 3.20 0.82 -8.13
N PHE A 53 3.39 1.68 -9.12
CA PHE A 53 4.71 2.19 -9.46
C PHE A 53 5.24 3.10 -8.37
N GLN A 54 4.34 3.80 -7.68
CA GLN A 54 4.75 4.66 -6.60
C GLN A 54 5.18 3.91 -5.34
N ARG A 55 4.62 2.72 -5.12
CA ARG A 55 5.11 1.82 -4.07
C ARG A 55 6.48 1.25 -4.41
N GLU A 56 6.64 0.76 -5.64
CA GLU A 56 7.91 0.15 -6.05
C GLU A 56 9.05 1.12 -5.73
N ILE A 57 8.89 2.36 -6.18
CA ILE A 57 9.88 3.40 -5.95
C ILE A 57 10.19 3.53 -4.46
N GLN A 58 9.17 3.45 -3.61
CA GLN A 58 9.40 3.53 -2.18
C GLN A 58 10.04 2.27 -1.61
N ILE A 59 9.48 1.12 -1.94
CA ILE A 59 10.03 -0.14 -1.48
C ILE A 59 11.49 -0.21 -1.89
N LEU A 60 11.75 -0.08 -3.19
CA LEU A 60 13.11 -0.24 -3.73
C LEU A 60 14.10 0.75 -3.11
N LYS A 61 13.62 1.96 -2.79
CA LYS A 61 14.44 2.99 -2.16
C LYS A 61 14.86 2.58 -0.75
N ALA A 62 13.97 1.92 -0.03
CA ALA A 62 14.20 1.55 1.36
C ALA A 62 15.08 0.31 1.51
N LEU A 63 15.40 -0.36 0.40
CA LEU A 63 16.19 -1.58 0.45
C LEU A 63 17.67 -1.29 0.18
N HIS A 64 18.53 -1.87 1.00
CA HIS A 64 19.98 -1.64 0.88
C HIS A 64 20.69 -2.97 1.06
N SER A 65 20.91 -3.64 -0.08
CA SER A 65 21.42 -5.01 -0.07
C SER A 65 22.21 -5.29 -1.34
N ASP A 66 23.38 -5.90 -1.18
CA ASP A 66 24.21 -6.27 -2.31
C ASP A 66 23.57 -7.38 -3.17
N PHE A 67 22.37 -7.80 -2.82
CA PHE A 67 21.61 -8.76 -3.61
C PHE A 67 20.23 -8.20 -3.99
N ILE A 68 20.17 -6.88 -4.16
CA ILE A 68 19.01 -6.22 -4.75
C ILE A 68 19.49 -5.03 -5.57
N VAL A 69 18.79 -4.73 -6.66
CA VAL A 69 19.17 -3.65 -7.56
C VAL A 69 19.17 -2.35 -6.79
N LYS A 70 20.26 -1.61 -6.88
CA LYS A 70 20.41 -0.37 -6.11
C LYS A 70 19.65 0.79 -6.75
N TYR A 71 18.66 1.31 -6.02
CA TYR A 71 17.96 2.54 -6.39
C TYR A 71 18.93 3.72 -6.41
N ARG A 72 18.84 4.54 -7.45
CA ARG A 72 19.67 5.75 -7.58
C ARG A 72 18.83 7.01 -7.33
N GLY A 73 17.61 7.05 -7.86
CA GLY A 73 16.78 8.23 -7.74
C GLY A 73 15.52 8.18 -8.60
N VAL A 74 14.92 9.35 -8.81
CA VAL A 74 13.77 9.48 -9.72
C VAL A 74 13.95 10.69 -10.64
N SER A 75 13.01 10.89 -11.55
CA SER A 75 13.07 12.00 -12.49
C SER A 75 11.67 12.53 -12.81
N TYR A 76 11.57 13.86 -12.88
CA TYR A 76 10.30 14.57 -13.09
C TYR A 76 9.23 14.12 -12.10
N GLY A 77 9.41 14.55 -10.86
CA GLY A 77 8.50 14.20 -9.77
C GLY A 77 9.27 13.78 -8.54
N SER A 82 6.14 12.66 -16.68
CA SER A 82 5.87 11.44 -15.92
C SER A 82 7.02 11.07 -15.00
N LEU A 83 6.68 10.44 -13.88
CA LEU A 83 7.69 9.93 -12.95
C LEU A 83 8.51 8.81 -13.61
N ARG A 84 9.83 8.93 -13.51
CA ARG A 84 10.75 7.88 -13.97
C ARG A 84 11.56 7.36 -12.79
N LEU A 85 11.72 6.05 -12.73
CA LEU A 85 12.50 5.40 -11.68
C LEU A 85 13.89 5.10 -12.19
N VAL A 86 14.92 5.66 -11.54
CA VAL A 86 16.30 5.46 -11.93
C VAL A 86 16.96 4.41 -11.05
N MET A 87 17.69 3.48 -11.68
CA MET A 87 18.40 2.41 -10.96
C MET A 87 19.76 2.18 -11.62
N GLU A 88 20.57 1.34 -10.99
CA GLU A 88 21.86 0.98 -11.58
C GLU A 88 21.68 0.07 -12.79
N TYR A 89 22.66 0.10 -13.68
CA TYR A 89 22.64 -0.69 -14.90
C TYR A 89 23.49 -1.94 -14.71
N LEU A 90 22.87 -3.10 -14.92
CA LEU A 90 23.56 -4.39 -14.84
C LEU A 90 23.67 -5.00 -16.24
N PRO A 91 24.80 -4.77 -16.92
CA PRO A 91 24.87 -5.08 -18.34
C PRO A 91 24.80 -6.56 -18.72
N SER A 92 24.97 -7.49 -17.78
CA SER A 92 24.87 -8.91 -18.13
C SER A 92 23.44 -9.39 -18.34
N GLY A 93 22.44 -8.61 -17.89
CA GLY A 93 21.05 -8.93 -18.17
C GLY A 93 20.54 -10.08 -17.32
N CYS A 94 19.26 -10.40 -17.47
CA CYS A 94 18.59 -11.32 -16.56
C CYS A 94 19.15 -12.74 -16.58
N LEU A 95 19.12 -13.37 -15.41
CA LEU A 95 19.65 -14.71 -15.22
C LEU A 95 19.00 -15.75 -16.15
N ARG A 96 17.69 -15.66 -16.37
CA ARG A 96 17.01 -16.64 -17.22
C ARG A 96 17.73 -16.77 -18.56
N ASP A 97 17.91 -15.64 -19.24
CA ASP A 97 18.62 -15.62 -20.51
C ASP A 97 20.14 -15.83 -20.33
N PHE A 98 20.67 -15.51 -19.16
CA PHE A 98 22.10 -15.70 -18.90
C PHE A 98 22.50 -17.17 -18.84
N LEU A 99 21.74 -17.96 -18.09
CA LEU A 99 21.98 -19.41 -17.94
C LEU A 99 21.82 -20.18 -19.26
N GLN A 100 20.86 -19.76 -20.07
CA GLN A 100 20.72 -20.31 -21.41
C GLN A 100 22.02 -20.16 -22.20
N ARG A 101 22.44 -18.91 -22.44
CA ARG A 101 23.63 -18.62 -23.25
C ARG A 101 24.90 -19.32 -22.81
N HIS A 102 25.20 -19.22 -21.52
CA HIS A 102 26.51 -19.65 -21.01
C HIS A 102 26.41 -20.96 -20.21
N ARG A 103 25.46 -21.81 -20.62
CA ARG A 103 25.17 -23.06 -19.93
C ARG A 103 26.40 -23.96 -19.78
N ALA A 104 27.25 -23.99 -20.82
CA ALA A 104 28.43 -24.83 -20.79
C ALA A 104 29.35 -24.42 -19.64
N ARG A 105 29.78 -23.15 -19.65
CA ARG A 105 30.74 -22.63 -18.67
C ARG A 105 30.28 -22.71 -17.21
N LEU A 106 28.97 -22.74 -16.98
CA LEU A 106 28.43 -22.78 -15.63
C LEU A 106 28.21 -24.22 -15.11
N ASP A 107 28.56 -24.43 -13.84
CA ASP A 107 28.43 -25.75 -13.20
C ASP A 107 27.59 -25.65 -11.94
N ALA A 108 27.37 -26.79 -11.28
CA ALA A 108 26.58 -26.87 -10.05
C ALA A 108 27.06 -25.86 -9.00
N SER A 109 28.38 -25.80 -8.82
CA SER A 109 28.98 -24.90 -7.83
C SER A 109 28.48 -23.48 -8.02
N ARG A 110 28.41 -23.06 -9.28
CA ARG A 110 27.98 -21.72 -9.62
C ARG A 110 26.49 -21.54 -9.38
N LEU A 111 25.70 -22.52 -9.78
CA LEU A 111 24.26 -22.49 -9.54
C LEU A 111 23.96 -22.41 -8.04
N LEU A 112 24.72 -23.16 -7.25
CA LEU A 112 24.64 -23.03 -5.79
C LEU A 112 24.91 -21.60 -5.38
N LEU A 113 25.99 -21.04 -5.91
CA LEU A 113 26.36 -19.66 -5.59
C LEU A 113 25.19 -18.71 -5.87
N TYR A 114 24.62 -18.81 -7.06
CA TYR A 114 23.49 -17.95 -7.44
C TYR A 114 22.28 -18.20 -6.54
N SER A 115 22.13 -19.43 -6.06
CA SER A 115 21.05 -19.76 -5.13
C SER A 115 21.31 -19.03 -3.83
N SER A 116 22.48 -19.28 -3.24
CA SER A 116 22.93 -18.62 -2.00
C SER A 116 22.65 -17.13 -1.98
N GLN A 117 22.95 -16.46 -3.08
CA GLN A 117 22.82 -15.01 -3.16
C GLN A 117 21.37 -14.56 -3.20
N ILE A 118 20.54 -15.27 -3.97
CA ILE A 118 19.11 -14.98 -4.02
C ILE A 118 18.47 -15.29 -2.68
N CYS A 119 18.91 -16.38 -2.05
CA CYS A 119 18.44 -16.71 -0.72
C CYS A 119 18.69 -15.55 0.26
N LYS A 120 19.98 -15.20 0.40
CA LYS A 120 20.39 -14.04 1.21
C LYS A 120 19.60 -12.79 0.84
N GLY A 121 19.46 -12.55 -0.47
CA GLY A 121 18.66 -11.42 -0.95
C GLY A 121 17.26 -11.44 -0.40
N MET A 122 16.57 -12.58 -0.56
CA MET A 122 15.18 -12.73 -0.13
C MET A 122 15.05 -12.61 1.37
N GLU A 123 15.92 -13.33 2.07
CA GLU A 123 16.05 -13.19 3.50
C GLU A 123 16.01 -11.72 3.92
N TYR A 124 16.81 -10.88 3.25
CA TYR A 124 16.83 -9.46 3.58
C TYR A 124 15.44 -8.86 3.40
N LEU A 125 14.77 -9.20 2.29
CA LEU A 125 13.42 -8.73 2.10
C LEU A 125 12.51 -9.14 3.25
N GLY A 126 12.73 -10.34 3.80
CA GLY A 126 11.95 -10.82 4.92
C GLY A 126 12.12 -9.90 6.12
N SER A 127 13.37 -9.60 6.44
CA SER A 127 13.69 -8.69 7.53
C SER A 127 12.99 -7.35 7.36
N ARG A 128 12.73 -6.96 6.11
CA ARG A 128 11.99 -5.72 5.84
C ARG A 128 10.48 -5.89 5.80
N ARG A 129 10.03 -7.13 6.03
CA ARG A 129 8.62 -7.49 6.01
C ARG A 129 8.05 -7.26 4.62
N CYS A 130 8.79 -7.73 3.62
CA CYS A 130 8.44 -7.48 2.23
C CYS A 130 8.22 -8.79 1.48
N VAL A 131 7.16 -8.85 0.68
CA VAL A 131 6.87 -10.03 -0.12
C VAL A 131 7.00 -9.71 -1.61
N HIS A 132 7.92 -10.38 -2.28
CA HIS A 132 8.22 -10.06 -3.67
C HIS A 132 7.04 -10.34 -4.61
N ARG A 133 6.41 -11.50 -4.41
CA ARG A 133 5.22 -11.92 -5.15
C ARG A 133 5.50 -12.23 -6.60
N ASP A 134 6.77 -12.18 -7.01
CA ASP A 134 7.11 -12.32 -8.41
C ASP A 134 8.57 -12.78 -8.55
N LEU A 135 8.93 -13.80 -7.77
CA LEU A 135 10.30 -14.27 -7.70
C LEU A 135 10.54 -15.41 -8.70
N ALA A 136 11.35 -15.13 -9.71
CA ALA A 136 11.73 -16.13 -10.73
C ALA A 136 13.05 -15.74 -11.40
N ALA A 137 13.66 -16.72 -12.06
CA ALA A 137 14.96 -16.53 -12.69
C ALA A 137 14.99 -15.32 -13.63
N ARG A 138 13.89 -15.07 -14.33
CA ARG A 138 13.79 -13.91 -15.21
C ARG A 138 13.87 -12.59 -14.44
N ASN A 139 13.43 -12.58 -13.19
CA ASN A 139 13.47 -11.38 -12.35
C ASN A 139 14.75 -11.26 -11.51
N ILE A 140 15.70 -12.13 -11.78
CA ILE A 140 17.06 -11.99 -11.28
C ILE A 140 17.85 -11.30 -12.36
N LEU A 141 18.90 -10.58 -11.97
CA LEU A 141 19.80 -9.91 -12.90
C LEU A 141 21.22 -10.30 -12.56
N VAL A 142 22.11 -10.19 -13.55
CA VAL A 142 23.49 -10.57 -13.36
C VAL A 142 24.38 -9.32 -13.35
N GLU A 143 24.96 -9.02 -12.19
CA GLU A 143 26.02 -8.03 -12.09
C GLU A 143 27.26 -8.57 -12.83
N SER A 144 27.77 -9.70 -12.34
CA SER A 144 28.93 -10.38 -12.96
C SER A 144 28.75 -11.90 -12.96
N GLU A 145 29.73 -12.60 -13.52
CA GLU A 145 29.79 -14.06 -13.46
C GLU A 145 29.64 -14.55 -12.02
N ALA A 146 30.06 -13.71 -11.07
CA ALA A 146 30.08 -14.07 -9.65
C ALA A 146 28.94 -13.46 -8.83
N HIS A 147 28.11 -12.58 -9.42
CA HIS A 147 27.14 -11.84 -8.62
C HIS A 147 25.80 -11.61 -9.34
N VAL A 148 24.70 -11.98 -8.68
CA VAL A 148 23.37 -11.75 -9.19
C VAL A 148 22.54 -10.92 -8.21
N LYS A 149 21.65 -10.07 -8.74
CA LYS A 149 20.76 -9.22 -7.92
C LYS A 149 19.28 -9.43 -8.26
N ILE A 150 18.43 -9.31 -7.24
CA ILE A 150 16.99 -9.48 -7.39
C ILE A 150 16.37 -8.21 -7.93
N ALA A 151 15.34 -8.37 -8.78
CA ALA A 151 14.78 -7.23 -9.51
C ALA A 151 13.25 -7.29 -9.73
N ASP A 152 12.73 -6.30 -10.47
CA ASP A 152 11.29 -6.02 -10.61
C ASP A 152 10.48 -6.21 -9.33
N PHE A 153 10.45 -5.15 -8.53
CA PHE A 153 9.60 -5.12 -7.34
C PHE A 153 8.23 -4.56 -7.69
N GLY A 154 7.88 -4.63 -8.98
CA GLY A 154 6.62 -4.09 -9.49
C GLY A 154 5.37 -4.71 -8.89
N LEU A 155 5.50 -5.89 -8.30
CA LEU A 155 4.38 -6.53 -7.60
C LEU A 155 4.66 -6.77 -6.12
N ALA A 156 5.72 -6.16 -5.61
CA ALA A 156 6.09 -6.31 -4.22
C ALA A 156 5.08 -5.61 -3.35
N LYS A 157 4.71 -6.25 -2.24
CA LYS A 157 3.87 -5.61 -1.22
C LYS A 157 4.51 -5.84 0.13
N LEU A 158 4.40 -4.85 1.01
CA LEU A 158 4.89 -4.96 2.38
C LEU A 158 3.77 -5.52 3.26
N LEU A 159 4.16 -6.22 4.32
CA LEU A 159 3.18 -6.84 5.21
C LEU A 159 2.47 -5.77 6.03
N PRO A 160 1.18 -5.98 6.32
CA PRO A 160 0.50 -5.17 7.32
C PRO A 160 1.21 -5.29 8.68
N LEU A 161 1.31 -4.16 9.38
CA LEU A 161 2.28 -4.00 10.47
C LEU A 161 2.23 -5.02 11.63
N ASP A 162 1.10 -5.68 11.85
CA ASP A 162 1.03 -6.74 12.84
C ASP A 162 0.47 -8.04 12.24
N LYS A 163 0.91 -8.38 11.02
CA LYS A 163 0.47 -9.60 10.34
C LYS A 163 1.60 -10.23 9.51
N ASP A 164 1.56 -11.55 9.38
CA ASP A 164 2.53 -12.33 8.59
C ASP A 164 2.16 -12.50 7.12
N VAL A 167 -3.56 -10.52 1.96
CA VAL A 167 -4.55 -11.02 0.99
C VAL A 167 -4.64 -9.98 -0.12
N VAL A 168 -4.20 -10.34 -1.33
CA VAL A 168 -4.16 -9.41 -2.44
C VAL A 168 -5.38 -9.58 -3.32
N ARG A 169 -6.11 -8.47 -3.53
CA ARG A 169 -7.27 -8.46 -4.41
C ARG A 169 -6.87 -8.15 -5.85
N GLU A 170 -6.10 -7.07 -6.03
CA GLU A 170 -5.70 -6.57 -7.36
C GLU A 170 -5.24 -7.67 -8.31
N PRO A 175 3.17 -15.49 -14.38
CA PRO A 175 3.06 -15.34 -12.94
C PRO A 175 2.54 -16.58 -12.20
N ILE A 176 1.63 -17.34 -12.84
CA ILE A 176 0.87 -18.40 -12.14
C ILE A 176 1.71 -19.60 -11.69
N PHE A 177 2.66 -20.02 -12.52
CA PHE A 177 3.44 -21.23 -12.22
C PHE A 177 4.46 -21.07 -11.09
N TRP A 178 4.58 -19.87 -10.53
CA TRP A 178 5.50 -19.61 -9.41
C TRP A 178 4.76 -19.39 -8.09
N TYR A 179 3.42 -19.36 -8.14
CA TYR A 179 2.60 -19.13 -6.95
C TYR A 179 2.46 -20.38 -6.08
N ALA A 180 1.99 -20.16 -4.85
CA ALA A 180 1.73 -21.25 -3.90
C ALA A 180 0.22 -21.54 -3.86
N PRO A 181 -0.16 -22.75 -3.42
CA PRO A 181 -1.58 -23.13 -3.34
C PRO A 181 -2.46 -22.09 -2.66
N GLU A 182 -2.04 -21.62 -1.50
CA GLU A 182 -2.80 -20.62 -0.74
C GLU A 182 -2.79 -19.24 -1.41
N SER A 183 -1.87 -19.02 -2.35
CA SER A 183 -1.91 -17.84 -3.22
C SER A 183 -2.81 -18.10 -4.44
N LEU A 184 -2.82 -19.34 -4.95
CA LEU A 184 -3.71 -19.73 -6.05
C LEU A 184 -5.18 -19.78 -5.61
N SER A 185 -5.41 -20.36 -4.44
CA SER A 185 -6.76 -20.59 -3.94
C SER A 185 -7.37 -19.32 -3.34
N ASP A 186 -6.62 -18.64 -2.47
CA ASP A 186 -7.14 -17.54 -1.67
C ASP A 186 -6.48 -16.19 -1.95
N ASN A 187 -5.53 -16.18 -2.88
CA ASN A 187 -4.70 -14.99 -3.12
C ASN A 187 -4.04 -14.46 -1.82
N ILE A 188 -3.59 -15.38 -0.98
CA ILE A 188 -2.83 -15.02 0.22
C ILE A 188 -1.35 -15.01 -0.13
N PHE A 189 -0.64 -13.98 0.32
CA PHE A 189 0.79 -13.82 0.03
C PHE A 189 1.58 -13.58 1.28
N SER A 190 2.83 -14.03 1.28
CA SER A 190 3.67 -14.01 2.48
C SER A 190 5.14 -14.24 2.19
N ARG A 191 5.97 -14.13 3.24
CA ARG A 191 7.35 -14.56 3.17
C ARG A 191 7.40 -16.02 2.76
N GLN A 192 6.52 -16.79 3.41
CA GLN A 192 6.48 -18.23 3.27
C GLN A 192 6.04 -18.65 1.86
N SER A 193 5.28 -17.78 1.19
CA SER A 193 4.89 -18.02 -0.21
C SER A 193 6.07 -17.77 -1.16
N ASP A 194 6.93 -16.82 -0.81
CA ASP A 194 8.15 -16.56 -1.60
C ASP A 194 9.16 -17.70 -1.51
N VAL A 195 9.08 -18.46 -0.42
CA VAL A 195 9.89 -19.67 -0.24
C VAL A 195 9.45 -20.73 -1.25
N TRP A 196 8.13 -20.85 -1.44
CA TRP A 196 7.59 -21.66 -2.52
C TRP A 196 8.22 -21.20 -3.82
N SER A 197 8.00 -19.94 -4.14
CA SER A 197 8.50 -19.38 -5.38
C SER A 197 9.99 -19.65 -5.52
N PHE A 198 10.72 -19.55 -4.41
CA PHE A 198 12.15 -19.86 -4.44
C PHE A 198 12.41 -21.33 -4.80
N GLY A 199 11.56 -22.23 -4.31
CA GLY A 199 11.64 -23.62 -4.71
C GLY A 199 11.61 -23.76 -6.23
N VAL A 200 10.78 -22.94 -6.87
CA VAL A 200 10.67 -22.93 -8.32
C VAL A 200 11.95 -22.38 -8.96
N VAL A 201 12.54 -21.32 -8.38
CA VAL A 201 13.73 -20.73 -9.01
C VAL A 201 14.91 -21.70 -8.92
N LEU A 202 14.95 -22.51 -7.85
CA LEU A 202 15.93 -23.57 -7.76
C LEU A 202 15.77 -24.55 -8.91
N TYR A 203 14.52 -24.89 -9.24
CA TYR A 203 14.24 -25.75 -10.39
C TYR A 203 14.81 -25.09 -11.64
N GLU A 204 14.41 -23.83 -11.87
CA GLU A 204 14.90 -23.05 -13.00
C GLU A 204 16.42 -23.02 -13.06
N LEU A 205 17.07 -22.78 -11.93
CA LEU A 205 18.53 -22.74 -11.90
C LEU A 205 19.14 -24.04 -12.40
N PHE A 206 18.71 -25.15 -11.84
CA PHE A 206 19.30 -26.46 -12.15
C PHE A 206 18.72 -27.14 -13.41
N THR A 207 17.85 -26.43 -14.13
CA THR A 207 17.52 -26.80 -15.52
C THR A 207 18.13 -25.80 -16.48
N TYR A 208 19.00 -24.92 -15.96
CA TYR A 208 19.56 -23.81 -16.71
C TYR A 208 18.46 -23.05 -17.46
N CYS A 209 17.30 -22.94 -16.80
CA CYS A 209 16.12 -22.32 -17.38
C CYS A 209 15.78 -22.85 -18.78
N ASP A 210 15.96 -24.15 -18.96
CA ASP A 210 15.71 -24.77 -20.25
C ASP A 210 14.24 -24.64 -20.60
N LYS A 211 13.97 -24.07 -21.77
CA LYS A 211 12.61 -23.80 -22.23
C LYS A 211 11.75 -25.07 -22.29
N SER A 212 12.37 -26.18 -22.70
CA SER A 212 11.64 -27.43 -22.95
C SER A 212 11.00 -27.98 -21.68
N CYS A 213 11.80 -28.17 -20.64
CA CYS A 213 11.29 -28.60 -19.34
C CYS A 213 11.12 -27.42 -18.36
N SER A 214 10.84 -26.23 -18.89
CA SER A 214 10.61 -25.06 -18.07
C SER A 214 9.41 -25.29 -17.13
N PRO A 215 9.35 -24.54 -16.00
CA PRO A 215 8.24 -24.65 -15.05
C PRO A 215 6.87 -24.52 -15.70
N SER A 216 6.79 -23.67 -16.72
CA SER A 216 5.56 -23.48 -17.47
C SER A 216 5.20 -24.72 -18.29
N ALA A 217 6.17 -25.22 -19.06
CA ALA A 217 5.97 -26.38 -19.93
C ALA A 217 5.57 -27.61 -19.12
N GLU A 218 6.25 -27.79 -18.00
CA GLU A 218 6.14 -29.01 -17.20
C GLU A 218 4.77 -29.13 -16.53
N PHE A 219 4.30 -28.03 -15.95
CA PHE A 219 2.96 -28.00 -15.38
C PHE A 219 1.87 -28.09 -16.46
N LEU A 220 2.14 -27.54 -17.65
CA LEU A 220 1.21 -27.69 -18.78
C LEU A 220 1.14 -29.15 -19.28
N ARG A 221 2.30 -29.81 -19.33
CA ARG A 221 2.38 -31.23 -19.71
C ARG A 221 1.73 -32.17 -18.68
N MET A 222 1.53 -31.68 -17.46
CA MET A 222 0.90 -32.48 -16.39
C MET A 222 -0.65 -32.43 -16.39
N MET A 223 -1.22 -31.57 -17.23
CA MET A 223 -2.69 -31.44 -17.31
C MET A 223 -3.13 -31.04 -18.72
N VAL A 229 -11.67 -25.87 -19.53
CA VAL A 229 -11.22 -25.86 -18.14
C VAL A 229 -9.99 -24.95 -18.00
N PRO A 230 -9.98 -24.06 -16.97
CA PRO A 230 -8.89 -23.09 -16.83
C PRO A 230 -7.64 -23.65 -16.13
N ALA A 231 -6.63 -22.81 -16.01
CA ALA A 231 -5.34 -23.21 -15.45
C ALA A 231 -5.32 -23.16 -13.91
N LEU A 232 -5.52 -21.95 -13.36
CA LEU A 232 -5.43 -21.71 -11.92
C LEU A 232 -6.02 -22.86 -11.09
N SER A 233 -7.24 -23.26 -11.46
CA SER A 233 -7.96 -24.32 -10.76
C SER A 233 -7.40 -25.72 -11.03
N ARG A 234 -6.88 -25.95 -12.24
CA ARG A 234 -6.26 -27.22 -12.57
C ARG A 234 -4.89 -27.37 -11.89
N LEU A 235 -4.15 -26.27 -11.78
CA LEU A 235 -2.87 -26.22 -11.04
C LEU A 235 -3.11 -26.39 -9.53
N LEU A 236 -4.00 -25.58 -8.97
CA LEU A 236 -4.32 -25.67 -7.55
C LEU A 236 -4.74 -27.09 -7.13
N GLU A 237 -5.43 -27.79 -8.03
CA GLU A 237 -5.86 -29.18 -7.78
C GLU A 237 -4.67 -30.13 -7.83
N LEU A 238 -3.88 -30.05 -8.91
CA LEU A 238 -2.66 -30.86 -9.05
C LEU A 238 -1.79 -30.80 -7.81
N LEU A 239 -1.50 -29.57 -7.38
CA LEU A 239 -0.64 -29.32 -6.24
C LEU A 239 -1.28 -29.85 -4.96
N GLU A 240 -2.54 -29.53 -4.73
CA GLU A 240 -3.29 -30.06 -3.59
C GLU A 240 -3.26 -31.60 -3.53
N GLU A 241 -3.29 -32.24 -4.71
CA GLU A 241 -3.20 -33.71 -4.82
C GLU A 241 -1.78 -34.26 -4.55
N GLY A 242 -0.80 -33.37 -4.44
CA GLY A 242 0.58 -33.76 -4.13
C GLY A 242 1.52 -33.74 -5.32
N GLN A 243 1.05 -33.28 -6.48
CA GLN A 243 1.89 -33.20 -7.66
C GLN A 243 2.87 -32.01 -7.59
N ARG A 244 4.14 -32.30 -7.85
CA ARG A 244 5.20 -31.32 -7.83
C ARG A 244 6.00 -31.41 -9.13
N LEU A 245 6.89 -30.44 -9.33
CA LEU A 245 7.75 -30.43 -10.51
C LEU A 245 8.78 -31.55 -10.39
N PRO A 246 9.23 -32.09 -11.54
CA PRO A 246 10.16 -33.21 -11.54
C PRO A 246 11.54 -32.83 -11.04
N ALA A 247 12.32 -33.82 -10.62
CA ALA A 247 13.70 -33.59 -10.26
C ALA A 247 14.43 -33.26 -11.56
N PRO A 248 15.14 -32.12 -11.60
CA PRO A 248 15.91 -31.78 -12.80
C PRO A 248 16.98 -32.84 -13.12
N PRO A 249 17.28 -33.05 -14.42
CA PRO A 249 18.15 -34.12 -14.94
C PRO A 249 19.27 -34.60 -14.01
N ALA A 250 20.24 -33.73 -13.72
CA ALA A 250 21.43 -34.12 -12.94
C ALA A 250 21.46 -33.43 -11.59
N CYS A 251 20.35 -32.80 -11.20
CA CYS A 251 20.28 -32.00 -9.98
C CYS A 251 20.64 -32.85 -8.76
N PRO A 252 21.51 -32.33 -7.85
CA PRO A 252 21.96 -33.13 -6.71
C PRO A 252 20.85 -33.36 -5.70
N ALA A 253 20.98 -34.45 -4.94
CA ALA A 253 19.93 -34.88 -4.02
C ALA A 253 19.52 -33.78 -3.02
N GLU A 254 20.51 -33.16 -2.37
CA GLU A 254 20.23 -32.12 -1.37
C GLU A 254 19.47 -30.93 -1.95
N VAL A 255 19.82 -30.53 -3.17
CA VAL A 255 19.11 -29.44 -3.85
C VAL A 255 17.65 -29.84 -4.14
N HIS A 256 17.46 -31.09 -4.55
CA HIS A 256 16.12 -31.60 -4.84
C HIS A 256 15.26 -31.70 -3.58
N GLU A 257 15.89 -32.08 -2.46
CA GLU A 257 15.19 -32.16 -1.17
C GLU A 257 14.77 -30.77 -0.66
N LEU A 258 15.68 -29.81 -0.76
CA LEU A 258 15.37 -28.44 -0.36
C LEU A 258 14.17 -27.87 -1.15
N MET A 259 14.06 -28.21 -2.43
CA MET A 259 12.91 -27.81 -3.25
C MET A 259 11.62 -28.42 -2.73
N LYS A 260 11.65 -29.69 -2.34
CA LYS A 260 10.44 -30.38 -1.88
C LYS A 260 9.93 -29.74 -0.59
N LEU A 261 10.88 -29.48 0.32
CA LEU A 261 10.62 -28.77 1.58
C LEU A 261 10.06 -27.36 1.32
N CYS A 262 10.60 -26.69 0.30
CA CYS A 262 10.07 -25.39 -0.13
C CYS A 262 8.64 -25.48 -0.61
N TRP A 263 8.28 -26.60 -1.24
CA TRP A 263 6.95 -26.79 -1.82
C TRP A 263 5.95 -27.50 -0.89
N ALA A 264 6.17 -27.41 0.42
CA ALA A 264 5.27 -28.01 1.41
C ALA A 264 3.89 -27.35 1.34
N PRO A 265 2.79 -28.13 1.48
CA PRO A 265 1.45 -27.55 1.41
C PRO A 265 1.18 -26.46 2.45
N SER A 266 1.52 -26.72 3.71
CA SER A 266 1.31 -25.74 4.78
C SER A 266 2.52 -24.80 4.90
N PRO A 267 2.31 -23.48 4.74
CA PRO A 267 3.42 -22.53 4.79
C PRO A 267 4.23 -22.57 6.08
N GLN A 268 3.58 -22.94 7.19
CA GLN A 268 4.27 -23.04 8.47
C GLN A 268 5.33 -24.15 8.44
N ASP A 269 5.15 -25.13 7.56
CA ASP A 269 6.10 -26.25 7.41
C ASP A 269 7.23 -25.97 6.43
N ARG A 270 7.05 -24.98 5.56
CA ARG A 270 8.10 -24.58 4.62
C ARG A 270 9.23 -23.92 5.40
N PRO A 271 10.49 -24.18 5.00
CA PRO A 271 11.67 -23.56 5.60
C PRO A 271 11.70 -22.04 5.46
N SER A 272 12.56 -21.40 6.23
CA SER A 272 12.82 -19.98 6.08
C SER A 272 14.09 -19.81 5.29
N PHE A 273 14.26 -18.65 4.67
CA PHE A 273 15.51 -18.33 3.96
C PHE A 273 16.68 -18.28 4.94
N SER A 274 16.38 -17.88 6.17
CA SER A 274 17.31 -18.02 7.27
C SER A 274 17.73 -19.49 7.43
N ALA A 275 16.76 -20.39 7.38
CA ALA A 275 17.00 -21.84 7.42
C ALA A 275 17.62 -22.41 6.13
N LEU A 276 17.26 -21.84 4.99
CA LEU A 276 17.72 -22.36 3.70
C LEU A 276 19.19 -22.06 3.44
N GLY A 277 19.60 -20.81 3.68
CA GLY A 277 20.94 -20.35 3.35
C GLY A 277 22.04 -21.33 3.72
N PRO A 278 22.17 -21.64 5.02
CA PRO A 278 23.22 -22.51 5.53
C PRO A 278 23.25 -23.89 4.89
N GLN A 279 22.09 -24.41 4.51
CA GLN A 279 22.00 -25.71 3.86
C GLN A 279 22.57 -25.67 2.45
N LEU A 280 22.24 -24.62 1.71
CA LEU A 280 22.77 -24.41 0.35
C LEU A 280 24.28 -24.16 0.35
N ASP A 281 24.77 -23.41 1.34
CA ASP A 281 26.18 -23.00 1.38
C ASP A 281 27.12 -24.13 1.77
N MET A 282 26.59 -25.16 2.43
CA MET A 282 27.42 -26.25 2.95
C MET A 282 27.47 -27.47 2.03
N LEU A 283 26.94 -27.31 0.82
CA LEU A 283 27.01 -28.37 -0.19
C LEU A 283 28.29 -28.31 -1.02
N ILE B 1 -32.30 -2.56 2.67
CA ILE B 1 -33.68 -2.22 3.14
C ILE B 1 -33.95 -2.81 4.53
N PHE B 2 -34.25 -1.93 5.48
CA PHE B 2 -34.45 -2.30 6.88
C PHE B 2 -35.80 -1.75 7.35
N GLU B 3 -36.81 -2.62 7.39
CA GLU B 3 -38.19 -2.19 7.70
C GLU B 3 -38.27 -1.37 9.00
N GLU B 4 -38.51 -0.06 8.85
CA GLU B 4 -38.53 0.91 9.96
C GLU B 4 -38.85 0.30 11.34
N ARG B 5 -40.00 -0.34 11.42
CA ARG B 5 -40.53 -0.84 12.70
C ARG B 5 -39.60 -1.86 13.40
N HIS B 6 -38.86 -2.65 12.62
CA HIS B 6 -37.96 -3.65 13.20
C HIS B 6 -36.67 -3.06 13.80
N LEU B 7 -36.19 -1.95 13.24
CA LEU B 7 -35.02 -1.22 13.80
C LEU B 7 -35.40 -0.68 15.17
N LYS B 8 -35.21 -1.49 16.20
CA LYS B 8 -35.66 -1.13 17.53
C LYS B 8 -34.63 -0.27 18.25
N TYR B 9 -35.02 0.97 18.55
CA TYR B 9 -34.15 1.95 19.22
C TYR B 9 -33.57 1.48 20.55
N ILE B 10 -32.27 1.73 20.74
CA ILE B 10 -31.57 1.40 21.98
C ILE B 10 -31.05 2.68 22.65
N SER B 11 -30.08 3.34 22.02
CA SER B 11 -29.47 4.56 22.59
C SER B 11 -28.90 5.50 21.54
N GLN B 12 -28.65 6.73 21.97
CA GLN B 12 -28.13 7.76 21.09
C GLN B 12 -26.63 7.85 21.23
N LEU B 13 -25.93 7.81 20.10
CA LEU B 13 -24.48 7.77 20.09
C LEU B 13 -23.87 9.17 19.97
N GLY B 14 -24.50 10.03 19.17
CA GLY B 14 -24.06 11.41 19.04
C GLY B 14 -25.08 12.32 18.40
N LYS B 15 -24.98 13.62 18.69
CA LYS B 15 -25.83 14.64 18.07
C LYS B 15 -24.95 15.52 17.18
N GLY B 16 -25.57 16.25 16.26
CA GLY B 16 -24.85 17.14 15.35
C GLY B 16 -25.59 18.44 15.09
N ASN B 17 -25.17 19.17 14.07
CA ASN B 17 -25.82 20.41 13.68
C ASN B 17 -27.21 20.17 13.05
N PHE B 18 -27.28 19.25 12.08
CA PHE B 18 -28.54 18.92 11.40
C PHE B 18 -29.06 17.49 11.70
N GLY B 19 -28.13 16.57 11.98
CA GLY B 19 -28.47 15.15 12.17
C GLY B 19 -27.65 14.38 13.20
N SER B 20 -28.27 13.36 13.78
CA SER B 20 -27.68 12.55 14.84
C SER B 20 -27.55 11.07 14.42
N VAL B 21 -26.84 10.31 15.26
CA VAL B 21 -26.65 8.89 15.01
C VAL B 21 -27.11 8.09 16.23
N GLU B 22 -27.86 7.01 15.97
CA GLU B 22 -28.46 6.19 17.03
C GLU B 22 -27.95 4.77 16.97
N LEU B 23 -27.89 4.13 18.14
CA LEU B 23 -27.60 2.71 18.22
C LEU B 23 -28.91 1.91 18.19
N CYS B 24 -28.98 0.93 17.30
CA CYS B 24 -30.16 0.09 17.15
C CYS B 24 -29.83 -1.39 17.00
N ARG B 25 -30.81 -2.24 17.30
CA ARG B 25 -30.73 -3.67 17.03
C ARG B 25 -31.79 -4.00 16.01
N TYR B 26 -31.38 -4.54 14.87
CA TYR B 26 -32.33 -4.96 13.84
C TYR B 26 -32.91 -6.33 14.18
N ASP B 27 -34.10 -6.32 14.76
CA ASP B 27 -34.75 -7.50 15.33
C ASP B 27 -36.04 -7.78 14.56
N PRO B 28 -35.92 -8.41 13.37
CA PRO B 28 -37.11 -8.72 12.56
C PRO B 28 -37.98 -9.83 13.16
N LEU B 29 -37.34 -10.90 13.64
CA LEU B 29 -38.04 -12.03 14.26
C LEU B 29 -38.80 -11.60 15.53
N GLY B 30 -38.54 -10.37 16.00
CA GLY B 30 -39.28 -9.76 17.10
C GLY B 30 -39.07 -10.47 18.42
N ASP B 31 -37.82 -10.85 18.70
CA ASP B 31 -37.49 -11.63 19.89
C ASP B 31 -36.19 -11.13 20.57
N ASN B 32 -36.01 -9.81 20.65
CA ASN B 32 -34.82 -9.20 21.29
C ASN B 32 -33.50 -9.88 20.92
N THR B 33 -33.32 -10.22 19.65
CA THR B 33 -32.23 -11.12 19.22
C THR B 33 -31.38 -10.66 18.01
N GLY B 34 -31.71 -9.52 17.41
CA GLY B 34 -31.14 -9.12 16.11
C GLY B 34 -29.65 -8.84 16.03
N ALA B 35 -29.30 -7.81 15.24
CA ALA B 35 -27.90 -7.39 15.01
C ALA B 35 -27.71 -5.89 15.22
N LEU B 36 -26.69 -5.52 15.98
CA LEU B 36 -26.49 -4.12 16.40
C LEU B 36 -25.90 -3.30 15.29
N VAL B 37 -26.46 -2.11 15.07
CA VAL B 37 -26.04 -1.23 13.99
C VAL B 37 -26.02 0.23 14.42
N ALA B 38 -25.32 1.06 13.65
CA ALA B 38 -25.38 2.51 13.78
C ALA B 38 -26.34 3.04 12.72
N VAL B 39 -27.32 3.80 13.16
CA VAL B 39 -28.35 4.34 12.27
C VAL B 39 -28.23 5.86 12.31
N LYS B 40 -28.27 6.49 11.13
CA LYS B 40 -28.09 7.94 11.01
C LYS B 40 -29.30 8.58 10.33
N GLN B 41 -29.70 9.76 10.81
CA GLN B 41 -30.79 10.53 10.21
C GLN B 41 -30.44 12.02 10.26
N LEU B 42 -31.24 12.83 9.56
CA LEU B 42 -31.18 14.28 9.67
C LEU B 42 -32.48 14.78 10.28
N GLN B 43 -32.40 15.54 11.37
CA GLN B 43 -33.61 16.05 12.02
C GLN B 43 -34.08 17.32 11.30
N HIS B 44 -33.55 18.47 11.70
CA HIS B 44 -33.81 19.73 11.00
C HIS B 44 -32.70 19.92 9.97
N SER B 45 -33.08 19.97 8.70
CA SER B 45 -32.11 20.04 7.62
C SER B 45 -32.70 20.77 6.44
N GLY B 46 -31.96 21.74 5.91
CA GLY B 46 -32.35 22.40 4.67
C GLY B 46 -32.19 21.41 3.52
N PRO B 47 -32.97 21.59 2.43
CA PRO B 47 -32.84 20.67 1.29
C PRO B 47 -31.38 20.49 0.83
N ASP B 48 -30.55 21.52 1.07
CA ASP B 48 -29.11 21.44 0.82
C ASP B 48 -28.44 20.28 1.55
N GLN B 49 -28.82 20.07 2.81
CA GLN B 49 -28.23 18.99 3.63
C GLN B 49 -28.80 17.61 3.26
N GLN B 50 -30.05 17.58 2.79
CA GLN B 50 -30.69 16.34 2.35
C GLN B 50 -29.97 15.72 1.14
N ARG B 51 -29.55 16.58 0.21
CA ARG B 51 -28.85 16.14 -0.99
C ARG B 51 -27.50 15.51 -0.67
N ASP B 52 -26.86 16.05 0.35
CA ASP B 52 -25.56 15.56 0.80
C ASP B 52 -25.70 14.16 1.38
N PHE B 53 -26.80 13.95 2.10
CA PHE B 53 -27.09 12.68 2.74
C PHE B 53 -27.36 11.62 1.67
N GLN B 54 -28.15 12.02 0.67
CA GLN B 54 -28.43 11.19 -0.50
C GLN B 54 -27.15 10.71 -1.19
N ARG B 55 -26.18 11.62 -1.35
CA ARG B 55 -24.90 11.29 -1.97
C ARG B 55 -24.02 10.44 -1.05
N GLU B 56 -23.95 10.81 0.23
CA GLU B 56 -23.16 10.10 1.22
C GLU B 56 -23.55 8.62 1.22
N ILE B 57 -24.87 8.38 1.26
CA ILE B 57 -25.41 7.02 1.23
C ILE B 57 -24.91 6.23 0.02
N GLN B 58 -24.87 6.87 -1.15
CA GLN B 58 -24.42 6.20 -2.37
C GLN B 58 -22.91 5.99 -2.39
N ILE B 59 -22.15 7.02 -2.01
CA ILE B 59 -20.68 6.92 -1.96
C ILE B 59 -20.26 5.80 -1.02
N LEU B 60 -20.80 5.83 0.19
CA LEU B 60 -20.47 4.84 1.20
C LEU B 60 -20.93 3.43 0.80
N LYS B 61 -21.98 3.35 -0.03
CA LYS B 61 -22.49 2.07 -0.53
C LYS B 61 -21.57 1.47 -1.59
N ALA B 62 -20.90 2.33 -2.35
CA ALA B 62 -20.00 1.88 -3.42
C ALA B 62 -18.58 1.55 -2.94
N LEU B 63 -18.29 1.83 -1.68
CA LEU B 63 -16.95 1.64 -1.14
C LEU B 63 -16.86 0.30 -0.40
N HIS B 64 -15.91 -0.53 -0.80
CA HIS B 64 -15.74 -1.84 -0.21
C HIS B 64 -14.29 -2.01 0.22
N SER B 65 -14.02 -1.69 1.48
CA SER B 65 -12.66 -1.68 1.99
C SER B 65 -12.67 -2.01 3.46
N ASP B 66 -11.69 -2.80 3.90
CA ASP B 66 -11.56 -3.14 5.31
C ASP B 66 -11.15 -1.94 6.18
N PHE B 67 -11.00 -0.76 5.57
CA PHE B 67 -10.65 0.45 6.32
C PHE B 67 -11.68 1.56 6.14
N ILE B 68 -12.94 1.17 5.91
CA ILE B 68 -14.07 2.11 5.85
C ILE B 68 -15.31 1.51 6.51
N VAL B 69 -16.13 2.35 7.15
CA VAL B 69 -17.30 1.85 7.88
C VAL B 69 -18.20 1.12 6.90
N LYS B 70 -18.41 -0.17 7.13
CA LYS B 70 -19.26 -0.95 6.25
C LYS B 70 -20.68 -0.41 6.27
N TYR B 71 -21.17 -0.04 5.09
CA TYR B 71 -22.56 0.33 4.90
C TYR B 71 -23.39 -0.95 5.03
N ARG B 72 -24.57 -0.83 5.63
CA ARG B 72 -25.48 -1.98 5.80
C ARG B 72 -26.81 -1.82 5.05
N GLY B 73 -27.35 -0.61 5.00
CA GLY B 73 -28.61 -0.39 4.30
C GLY B 73 -29.28 0.94 4.60
N VAL B 74 -30.54 1.04 4.20
CA VAL B 74 -31.33 2.25 4.43
C VAL B 74 -32.71 1.87 4.95
N SER B 75 -33.43 2.87 5.44
CA SER B 75 -34.72 2.64 6.08
C SER B 75 -35.69 3.72 5.63
N TYR B 76 -36.85 3.30 5.13
CA TYR B 76 -37.85 4.20 4.54
C TYR B 76 -37.21 4.89 3.32
N GLY B 77 -36.84 4.08 2.33
CA GLY B 77 -36.19 4.57 1.11
C GLY B 77 -35.97 3.46 0.11
N SER B 82 -39.09 9.34 6.60
CA SER B 82 -37.81 9.90 6.16
C SER B 82 -36.71 8.85 6.08
N LEU B 83 -35.67 9.19 5.33
CA LEU B 83 -34.56 8.29 5.08
C LEU B 83 -33.61 8.17 6.28
N ARG B 84 -33.22 6.93 6.59
CA ARG B 84 -32.25 6.64 7.65
C ARG B 84 -31.13 5.77 7.08
N LEU B 85 -29.91 6.04 7.52
CA LEU B 85 -28.71 5.38 7.00
C LEU B 85 -28.17 4.39 8.03
N VAL B 86 -28.20 3.10 7.68
CA VAL B 86 -27.76 2.03 8.58
C VAL B 86 -26.30 1.72 8.29
N MET B 87 -25.55 1.40 9.34
CA MET B 87 -24.11 1.11 9.23
C MET B 87 -23.70 0.10 10.30
N GLU B 88 -22.50 -0.45 10.15
CA GLU B 88 -21.93 -1.29 11.21
C GLU B 88 -21.67 -0.46 12.47
N TYR B 89 -21.81 -1.11 13.63
CA TYR B 89 -21.59 -0.48 14.91
C TYR B 89 -20.21 -0.83 15.43
N LEU B 90 -19.34 0.19 15.51
CA LEU B 90 -17.95 0.04 15.96
C LEU B 90 -17.80 0.60 17.38
N PRO B 91 -17.88 -0.26 18.40
CA PRO B 91 -18.20 0.22 19.76
C PRO B 91 -17.11 1.03 20.48
N SER B 92 -15.84 0.76 20.19
CA SER B 92 -14.77 1.52 20.87
C SER B 92 -14.83 3.02 20.55
N GLY B 93 -15.55 3.38 19.50
CA GLY B 93 -15.86 4.77 19.21
C GLY B 93 -14.85 5.42 18.28
N CYS B 94 -14.81 6.74 18.30
CA CYS B 94 -13.95 7.48 17.39
C CYS B 94 -12.51 7.49 17.90
N LEU B 95 -11.58 7.48 16.96
CA LEU B 95 -10.16 7.40 17.28
C LEU B 95 -9.75 8.53 18.22
N ARG B 96 -10.21 9.75 17.95
CA ARG B 96 -9.83 10.92 18.73
C ARG B 96 -9.89 10.65 20.23
N ASP B 97 -11.08 10.30 20.70
CA ASP B 97 -11.32 10.09 22.12
C ASP B 97 -10.57 8.86 22.66
N PHE B 98 -10.46 7.84 21.83
CA PHE B 98 -9.80 6.58 22.19
C PHE B 98 -8.33 6.78 22.62
N LEU B 99 -7.62 7.65 21.92
CA LEU B 99 -6.20 7.92 22.21
C LEU B 99 -6.05 8.73 23.50
N GLN B 100 -6.91 9.71 23.67
CA GLN B 100 -6.93 10.53 24.87
C GLN B 100 -7.05 9.61 26.08
N ARG B 101 -8.06 8.74 26.04
CA ARG B 101 -8.39 7.86 27.16
C ARG B 101 -7.34 6.75 27.38
N HIS B 102 -6.78 6.21 26.31
CA HIS B 102 -5.91 5.03 26.43
C HIS B 102 -4.46 5.31 26.05
N ARG B 103 -4.04 6.55 26.28
CA ARG B 103 -2.73 7.04 25.85
C ARG B 103 -1.56 6.22 26.38
N ALA B 104 -1.63 5.83 27.64
CA ALA B 104 -0.51 5.16 28.31
C ALA B 104 -0.20 3.84 27.63
N ARG B 105 -1.22 3.02 27.43
CA ARG B 105 -1.08 1.70 26.81
C ARG B 105 -0.73 1.73 25.32
N LEU B 106 -0.90 2.88 24.68
CA LEU B 106 -0.52 3.06 23.27
C LEU B 106 0.88 3.64 23.10
N ASP B 107 1.59 3.15 22.09
CA ASP B 107 2.94 3.61 21.80
C ASP B 107 3.13 3.90 20.31
N ALA B 108 4.33 4.36 19.94
CA ALA B 108 4.62 4.79 18.58
C ALA B 108 4.26 3.73 17.54
N SER B 109 4.62 2.48 17.85
CA SER B 109 4.35 1.36 16.94
C SER B 109 2.88 1.32 16.56
N ARG B 110 2.03 1.37 17.58
CA ARG B 110 0.59 1.34 17.36
C ARG B 110 0.12 2.54 16.54
N LEU B 111 0.65 3.72 16.86
CA LEU B 111 0.28 4.93 16.13
C LEU B 111 0.67 4.83 14.65
N LEU B 112 1.79 4.18 14.36
CA LEU B 112 2.16 3.90 13.00
C LEU B 112 1.18 2.93 12.36
N LEU B 113 0.77 1.91 13.11
CA LEU B 113 -0.23 0.95 12.62
C LEU B 113 -1.52 1.67 12.23
N TYR B 114 -1.98 2.55 13.12
CA TYR B 114 -3.15 3.34 12.81
C TYR B 114 -2.90 4.24 11.60
N SER B 115 -1.69 4.76 11.49
CA SER B 115 -1.35 5.62 10.37
C SER B 115 -1.44 4.86 9.06
N SER B 116 -0.97 3.61 9.05
CA SER B 116 -1.07 2.75 7.86
C SER B 116 -2.49 2.58 7.40
N GLN B 117 -3.32 2.08 8.30
CA GLN B 117 -4.67 1.68 7.95
C GLN B 117 -5.52 2.83 7.40
N ILE B 118 -5.36 4.02 7.98
CA ILE B 118 -6.02 5.22 7.46
C ILE B 118 -5.48 5.51 6.07
N CYS B 119 -4.16 5.34 5.90
CA CYS B 119 -3.51 5.55 4.61
C CYS B 119 -4.04 4.56 3.57
N LYS B 120 -4.03 3.28 3.92
CA LYS B 120 -4.56 2.23 3.04
C LYS B 120 -6.03 2.48 2.71
N GLY B 121 -6.74 3.09 3.64
CA GLY B 121 -8.12 3.54 3.38
C GLY B 121 -8.18 4.67 2.37
N MET B 122 -7.34 5.68 2.55
CA MET B 122 -7.32 6.85 1.66
C MET B 122 -6.84 6.50 0.26
N GLU B 123 -5.90 5.58 0.21
CA GLU B 123 -5.45 5.01 -1.04
C GLU B 123 -6.63 4.42 -1.79
N TYR B 124 -7.48 3.71 -1.06
CA TYR B 124 -8.66 3.10 -1.63
C TYR B 124 -9.67 4.15 -2.09
N LEU B 125 -9.85 5.21 -1.31
CA LEU B 125 -10.74 6.30 -1.73
C LEU B 125 -10.27 6.89 -3.05
N GLY B 126 -8.95 7.05 -3.16
CA GLY B 126 -8.36 7.65 -4.35
C GLY B 126 -8.62 6.82 -5.58
N SER B 127 -8.44 5.51 -5.44
CA SER B 127 -8.75 4.56 -6.52
C SER B 127 -10.18 4.72 -7.01
N ARG B 128 -11.10 5.07 -6.11
CA ARG B 128 -12.48 5.30 -6.48
C ARG B 128 -12.76 6.75 -6.90
N ARG B 129 -11.70 7.56 -6.99
CA ARG B 129 -11.81 8.95 -7.44
C ARG B 129 -12.64 9.77 -6.47
N CYS B 130 -12.42 9.56 -5.18
CA CYS B 130 -13.22 10.19 -4.15
C CYS B 130 -12.39 11.06 -3.22
N VAL B 131 -12.93 12.21 -2.87
CA VAL B 131 -12.29 13.12 -1.94
C VAL B 131 -13.10 13.17 -0.65
N HIS B 132 -12.43 12.93 0.48
CA HIS B 132 -13.13 12.90 1.78
C HIS B 132 -13.48 14.30 2.25
N ARG B 133 -12.59 15.25 1.98
CA ARG B 133 -12.75 16.66 2.36
C ARG B 133 -12.71 16.95 3.87
N ASP B 134 -12.88 15.94 4.71
CA ASP B 134 -13.03 16.15 6.15
C ASP B 134 -12.35 15.04 6.95
N LEU B 135 -11.09 14.82 6.65
CA LEU B 135 -10.33 13.73 7.25
C LEU B 135 -9.62 14.24 8.50
N ALA B 136 -9.92 13.61 9.62
CA ALA B 136 -9.32 13.94 10.91
C ALA B 136 -9.56 12.81 11.90
N ALA B 137 -8.85 12.85 13.02
CA ALA B 137 -8.88 11.79 14.02
C ALA B 137 -10.31 11.47 14.51
N ARG B 138 -11.13 12.50 14.71
CA ARG B 138 -12.50 12.32 15.19
C ARG B 138 -13.38 11.60 14.17
N ASN B 139 -13.01 11.68 12.89
CA ASN B 139 -13.75 11.04 11.82
C ASN B 139 -13.21 9.64 11.46
N ILE B 140 -12.26 9.18 12.25
CA ILE B 140 -11.85 7.79 12.24
C ILE B 140 -12.61 7.08 13.37
N LEU B 141 -12.78 5.76 13.23
CA LEU B 141 -13.43 4.93 14.24
C LEU B 141 -12.53 3.76 14.59
N VAL B 142 -12.82 3.12 15.72
CA VAL B 142 -12.01 2.02 16.23
C VAL B 142 -12.80 0.71 16.19
N GLU B 143 -12.47 -0.16 15.25
CA GLU B 143 -13.04 -1.51 15.16
C GLU B 143 -12.52 -2.36 16.33
N SER B 144 -11.23 -2.15 16.66
CA SER B 144 -10.58 -2.80 17.81
C SER B 144 -9.23 -2.13 18.08
N GLU B 145 -8.49 -2.64 19.07
CA GLU B 145 -7.14 -2.12 19.36
C GLU B 145 -6.16 -2.22 18.18
N ALA B 146 -6.35 -3.22 17.32
CA ALA B 146 -5.48 -3.43 16.18
C ALA B 146 -6.05 -2.89 14.87
N HIS B 147 -7.33 -2.48 14.85
CA HIS B 147 -7.98 -2.04 13.61
C HIS B 147 -8.83 -0.77 13.74
N VAL B 148 -8.61 0.18 12.82
CA VAL B 148 -9.41 1.42 12.74
C VAL B 148 -10.04 1.58 11.35
N LYS B 149 -11.16 2.31 11.28
CA LYS B 149 -11.86 2.57 10.01
C LYS B 149 -12.26 4.04 9.83
N ILE B 150 -12.24 4.49 8.59
CA ILE B 150 -12.58 5.88 8.25
C ILE B 150 -14.10 6.02 8.15
N ALA B 151 -14.63 7.16 8.61
CA ALA B 151 -16.07 7.38 8.67
C ALA B 151 -16.48 8.79 8.20
N ASP B 152 -17.77 9.07 8.34
CA ASP B 152 -18.36 10.39 8.05
C ASP B 152 -18.03 10.94 6.68
N PHE B 153 -18.69 10.40 5.67
CA PHE B 153 -18.55 10.86 4.29
C PHE B 153 -19.65 11.86 3.94
N GLY B 154 -20.00 12.69 4.92
CA GLY B 154 -21.03 13.69 4.76
C GLY B 154 -20.61 14.81 3.83
N LEU B 155 -19.35 15.23 3.96
CA LEU B 155 -18.78 16.25 3.08
C LEU B 155 -17.93 15.68 1.93
N ALA B 156 -17.85 14.36 1.81
CA ALA B 156 -17.05 13.76 0.75
C ALA B 156 -17.66 14.08 -0.60
N LYS B 157 -16.81 14.30 -1.61
CA LYS B 157 -17.26 14.56 -2.98
C LYS B 157 -16.44 13.80 -4.00
N LEU B 158 -17.12 13.11 -4.93
CA LEU B 158 -16.44 12.37 -6.01
C LEU B 158 -15.86 13.34 -7.02
N LEU B 159 -14.75 12.94 -7.63
CA LEU B 159 -14.10 13.75 -8.65
C LEU B 159 -14.93 13.75 -9.94
N PRO B 160 -14.99 14.91 -10.61
CA PRO B 160 -15.60 14.96 -11.95
C PRO B 160 -14.85 14.05 -12.92
N LEU B 161 -15.60 13.30 -13.73
CA LEU B 161 -15.07 12.15 -14.48
C LEU B 161 -13.79 12.37 -15.33
N ASP B 162 -13.49 13.60 -15.71
CA ASP B 162 -12.20 13.87 -16.37
C ASP B 162 -11.48 15.08 -15.77
N LYS B 163 -11.42 15.14 -14.44
CA LYS B 163 -10.64 16.17 -13.74
C LYS B 163 -10.02 15.62 -12.45
N ASP B 164 -8.84 16.13 -12.10
CA ASP B 164 -8.12 15.73 -10.88
C ASP B 164 -8.66 16.41 -9.61
N VAL B 167 -13.90 22.12 -7.51
CA VAL B 167 -14.15 23.43 -6.89
C VAL B 167 -15.53 23.37 -6.23
N VAL B 168 -15.55 23.54 -4.91
CA VAL B 168 -16.78 23.36 -4.12
C VAL B 168 -17.42 24.70 -3.75
N ARG B 169 -18.67 24.86 -4.17
CA ARG B 169 -19.51 25.99 -3.75
C ARG B 169 -20.66 25.49 -2.86
N PRO B 175 -13.51 21.75 10.39
CA PRO B 175 -13.17 21.84 8.97
C PRO B 175 -11.87 22.61 8.68
N ILE B 176 -11.78 23.85 9.17
CA ILE B 176 -10.80 24.84 8.68
C ILE B 176 -9.33 24.45 8.89
N PHE B 177 -9.02 23.89 10.05
CA PHE B 177 -7.62 23.58 10.41
C PHE B 177 -7.07 22.32 9.75
N TRP B 178 -7.89 21.63 8.96
CA TRP B 178 -7.47 20.44 8.23
C TRP B 178 -7.37 20.71 6.71
N TYR B 179 -7.79 21.89 6.28
CA TYR B 179 -7.82 22.26 4.87
C TYR B 179 -6.43 22.60 4.32
N ALA B 180 -6.25 22.34 3.02
CA ALA B 180 -5.04 22.71 2.30
C ALA B 180 -5.16 24.16 1.86
N PRO B 181 -4.01 24.86 1.68
CA PRO B 181 -4.00 26.26 1.28
C PRO B 181 -4.97 26.59 0.16
N GLU B 182 -4.98 25.78 -0.89
CA GLU B 182 -5.85 26.03 -2.04
C GLU B 182 -7.32 25.84 -1.70
N SER B 183 -7.60 24.95 -0.74
CA SER B 183 -8.97 24.73 -0.27
C SER B 183 -9.46 25.94 0.52
N LEU B 184 -8.53 26.66 1.15
CA LEU B 184 -8.87 27.90 1.86
C LEU B 184 -9.04 29.04 0.86
N SER B 185 -8.04 29.23 0.01
CA SER B 185 -8.00 30.38 -0.90
C SER B 185 -9.03 30.30 -2.02
N ASP B 186 -9.22 29.10 -2.58
CA ASP B 186 -10.10 28.91 -3.74
C ASP B 186 -11.22 27.88 -3.54
N ASN B 187 -11.23 27.22 -2.38
CA ASN B 187 -12.11 26.07 -2.17
C ASN B 187 -11.93 25.02 -3.24
N ILE B 188 -10.67 24.65 -3.48
CA ILE B 188 -10.33 23.53 -4.35
C ILE B 188 -10.01 22.30 -3.49
N PHE B 189 -10.67 21.18 -3.79
CA PHE B 189 -10.44 19.92 -3.09
C PHE B 189 -10.09 18.80 -4.06
N SER B 190 -9.26 17.89 -3.59
CA SER B 190 -8.65 16.87 -4.44
C SER B 190 -8.08 15.77 -3.56
N ARG B 191 -7.48 14.75 -4.19
CA ARG B 191 -6.76 13.73 -3.44
C ARG B 191 -5.64 14.36 -2.64
N GLN B 192 -4.94 15.29 -3.29
N GLN B 192 -4.91 15.28 -3.28
CA GLN B 192 -3.75 15.92 -2.74
CA GLN B 192 -3.72 15.86 -2.66
C GLN B 192 -4.06 16.82 -1.54
C GLN B 192 -4.06 16.84 -1.53
N SER B 193 -5.31 17.28 -1.47
CA SER B 193 -5.80 18.04 -0.30
C SER B 193 -6.09 17.10 0.87
N ASP B 194 -6.54 15.88 0.57
CA ASP B 194 -6.68 14.84 1.58
C ASP B 194 -5.32 14.37 2.12
N VAL B 195 -4.28 14.52 1.31
CA VAL B 195 -2.91 14.22 1.77
C VAL B 195 -2.49 15.24 2.81
N TRP B 196 -2.84 16.51 2.60
CA TRP B 196 -2.59 17.57 3.57
C TRP B 196 -3.31 17.24 4.87
N SER B 197 -4.61 16.99 4.76
CA SER B 197 -5.41 16.62 5.92
C SER B 197 -4.81 15.39 6.59
N PHE B 198 -4.39 14.41 5.81
CA PHE B 198 -3.77 13.21 6.37
C PHE B 198 -2.52 13.58 7.15
N GLY B 199 -1.82 14.62 6.69
CA GLY B 199 -0.70 15.21 7.43
C GLY B 199 -1.12 15.67 8.82
N VAL B 200 -2.27 16.33 8.89
CA VAL B 200 -2.79 16.82 10.15
C VAL B 200 -3.13 15.64 11.07
N VAL B 201 -3.67 14.55 10.52
CA VAL B 201 -4.07 13.42 11.37
C VAL B 201 -2.84 12.68 11.93
N LEU B 202 -1.71 12.81 11.26
CA LEU B 202 -0.47 12.31 11.79
C LEU B 202 -0.09 13.12 13.03
N TYR B 203 -0.25 14.43 12.94
CA TYR B 203 -0.01 15.31 14.09
C TYR B 203 -0.94 14.92 15.22
N GLU B 204 -2.20 14.62 14.88
CA GLU B 204 -3.18 14.24 15.86
C GLU B 204 -2.82 12.93 16.54
N LEU B 205 -2.53 11.90 15.74
CA LEU B 205 -2.11 10.63 16.30
C LEU B 205 -0.97 10.81 17.31
N PHE B 206 0.08 11.50 16.91
CA PHE B 206 1.29 11.55 17.73
C PHE B 206 1.27 12.55 18.89
N THR B 207 0.27 13.45 18.90
CA THR B 207 -0.05 14.21 20.11
C THR B 207 -1.08 13.47 20.96
N TYR B 208 -1.46 12.27 20.53
CA TYR B 208 -2.54 11.51 21.16
C TYR B 208 -3.80 12.36 21.34
N CYS B 209 -4.03 13.26 20.38
CA CYS B 209 -5.17 14.19 20.39
C CYS B 209 -5.28 14.96 21.70
N ASP B 210 -4.13 15.40 22.21
CA ASP B 210 -4.07 16.18 23.43
C ASP B 210 -4.75 17.52 23.19
N LYS B 211 -5.81 17.79 23.94
CA LYS B 211 -6.62 19.01 23.77
C LYS B 211 -5.78 20.29 23.83
N SER B 212 -4.73 20.28 24.65
CA SER B 212 -3.87 21.46 24.85
C SER B 212 -3.16 21.88 23.56
N CYS B 213 -2.50 20.93 22.92
CA CYS B 213 -1.70 21.20 21.73
C CYS B 213 -2.35 20.64 20.44
N SER B 214 -3.68 20.76 20.35
CA SER B 214 -4.41 20.28 19.18
C SER B 214 -4.09 21.12 17.94
N PRO B 215 -4.40 20.59 16.75
CA PRO B 215 -4.29 21.38 15.52
C PRO B 215 -5.01 22.72 15.60
N SER B 216 -6.14 22.76 16.30
CA SER B 216 -6.89 24.01 16.51
C SER B 216 -6.14 24.98 17.41
N ALA B 217 -5.79 24.52 18.60
CA ALA B 217 -5.12 25.35 19.60
C ALA B 217 -3.80 25.95 19.10
N GLU B 218 -3.01 25.16 18.39
CA GLU B 218 -1.73 25.62 17.85
C GLU B 218 -1.92 26.72 16.83
N PHE B 219 -2.87 26.53 15.92
CA PHE B 219 -3.11 27.52 14.88
C PHE B 219 -3.74 28.78 15.44
N LEU B 220 -4.58 28.66 16.46
CA LEU B 220 -5.15 29.85 17.11
C LEU B 220 -4.04 30.58 17.88
N ARG B 221 -3.18 29.84 18.56
CA ARG B 221 -2.01 30.40 19.24
C ARG B 221 -1.13 31.20 18.26
N MET B 222 -1.05 30.73 17.01
CA MET B 222 -0.18 31.34 15.99
C MET B 222 -0.65 32.71 15.45
N MET B 223 -1.93 33.03 15.64
CA MET B 223 -2.49 34.31 15.16
C MET B 223 -3.13 35.05 16.36
N GLY B 224 -2.26 35.61 17.19
CA GLY B 224 -2.61 35.99 18.57
C GLY B 224 -3.66 37.06 18.79
N SER B 225 -4.54 36.79 19.75
CA SER B 225 -5.41 37.79 20.40
C SER B 225 -5.91 38.94 19.52
N GLU B 226 -6.36 38.63 18.31
CA GLU B 226 -6.90 39.64 17.39
C GLU B 226 -8.09 39.05 16.62
N ARG B 227 -9.17 38.80 17.37
CA ARG B 227 -10.26 37.92 16.95
C ARG B 227 -11.18 38.46 15.85
N ASP B 228 -11.14 39.76 15.60
CA ASP B 228 -12.03 40.39 14.62
C ASP B 228 -11.62 40.09 13.16
N VAL B 229 -10.37 39.69 12.95
CA VAL B 229 -9.87 39.35 11.61
C VAL B 229 -10.21 37.87 11.35
N PRO B 230 -10.76 37.56 10.16
CA PRO B 230 -11.22 36.20 9.92
C PRO B 230 -10.10 35.16 9.94
N ALA B 231 -10.41 34.01 10.52
CA ALA B 231 -9.46 32.91 10.62
C ALA B 231 -9.07 32.39 9.23
N LEU B 232 -10.05 32.27 8.34
CA LEU B 232 -9.80 31.78 6.97
C LEU B 232 -8.66 32.57 6.33
N SER B 233 -8.83 33.89 6.27
CA SER B 233 -7.81 34.79 5.74
C SER B 233 -6.51 34.71 6.55
N ARG B 234 -6.64 34.73 7.89
CA ARG B 234 -5.48 34.76 8.76
C ARG B 234 -4.66 33.47 8.72
N LEU B 235 -5.35 32.34 8.55
CA LEU B 235 -4.70 31.03 8.49
C LEU B 235 -4.03 30.81 7.14
N LEU B 236 -4.68 31.29 6.08
CA LEU B 236 -4.15 31.14 4.73
C LEU B 236 -2.81 31.84 4.62
N GLU B 237 -2.73 33.05 5.16
CA GLU B 237 -1.51 33.85 5.13
C GLU B 237 -0.40 33.22 5.96
N LEU B 238 -0.76 32.67 7.12
CA LEU B 238 0.20 31.98 7.98
C LEU B 238 0.89 30.84 7.23
N LEU B 239 0.08 29.94 6.69
CA LEU B 239 0.60 28.80 5.97
C LEU B 239 1.42 29.25 4.78
N GLU B 240 0.93 30.27 4.07
CA GLU B 240 1.62 30.82 2.90
C GLU B 240 3.00 31.37 3.25
N GLU B 241 3.14 31.87 4.48
CA GLU B 241 4.44 32.30 5.01
C GLU B 241 5.30 31.11 5.49
N GLY B 242 4.86 29.89 5.21
CA GLY B 242 5.60 28.67 5.52
C GLY B 242 5.43 28.15 6.93
N GLN B 243 4.54 28.80 7.70
CA GLN B 243 4.28 28.42 9.08
C GLN B 243 3.48 27.12 9.11
N ARG B 244 4.01 26.11 9.80
CA ARG B 244 3.35 24.82 9.94
C ARG B 244 3.20 24.48 11.40
N LEU B 245 2.43 23.42 11.69
CA LEU B 245 2.32 22.93 13.05
C LEU B 245 3.68 22.48 13.58
N PRO B 246 3.87 22.55 14.90
CA PRO B 246 5.13 22.10 15.48
C PRO B 246 5.31 20.58 15.39
N ALA B 247 6.53 20.11 15.63
CA ALA B 247 6.75 18.69 15.77
C ALA B 247 6.17 18.28 17.12
N PRO B 248 5.32 17.23 17.14
CA PRO B 248 4.79 16.70 18.40
C PRO B 248 5.91 16.25 19.35
N PRO B 249 5.65 16.34 20.67
CA PRO B 249 6.67 16.18 21.73
C PRO B 249 7.72 15.08 21.49
N ALA B 250 7.30 13.82 21.39
CA ALA B 250 8.24 12.69 21.31
C ALA B 250 8.36 12.11 19.90
N CYS B 251 7.66 12.74 18.95
CA CYS B 251 7.49 12.20 17.60
C CYS B 251 8.81 11.78 16.94
N PRO B 252 8.83 10.61 16.28
CA PRO B 252 10.04 10.20 15.54
C PRO B 252 10.31 11.12 14.34
N ALA B 253 11.58 11.25 13.99
CA ALA B 253 12.01 12.17 12.94
C ALA B 253 11.33 11.92 11.60
N GLU B 254 11.28 10.65 11.19
CA GLU B 254 10.73 10.29 9.88
C GLU B 254 9.26 10.68 9.75
N VAL B 255 8.51 10.49 10.84
CA VAL B 255 7.09 10.80 10.83
C VAL B 255 6.90 12.31 10.74
N HIS B 256 7.71 13.05 11.48
CA HIS B 256 7.65 14.51 11.42
C HIS B 256 8.05 15.02 10.03
N GLU B 257 9.03 14.36 9.40
CA GLU B 257 9.40 14.70 8.02
C GLU B 257 8.29 14.30 7.05
N LEU B 258 7.61 13.18 7.32
CA LEU B 258 6.48 12.75 6.47
C LEU B 258 5.27 13.70 6.55
N MET B 259 5.17 14.46 7.63
CA MET B 259 4.14 15.50 7.73
C MET B 259 4.46 16.68 6.83
N LYS B 260 5.73 17.09 6.83
CA LYS B 260 6.15 18.28 6.07
C LYS B 260 5.95 18.05 4.58
N LEU B 261 6.33 16.87 4.10
CA LEU B 261 6.09 16.46 2.72
C LEU B 261 4.58 16.44 2.39
N CYS B 262 3.77 16.05 3.36
CA CYS B 262 2.31 16.17 3.24
C CYS B 262 1.88 17.63 3.14
N TRP B 263 2.51 18.53 3.90
CA TRP B 263 2.13 19.95 3.90
C TRP B 263 2.88 20.84 2.88
N ALA B 264 3.40 20.25 1.80
CA ALA B 264 4.03 21.00 0.71
C ALA B 264 3.03 21.99 0.09
N PRO B 265 3.43 23.26 -0.09
CA PRO B 265 2.47 24.26 -0.61
C PRO B 265 1.78 23.86 -1.91
N SER B 266 2.57 23.41 -2.88
CA SER B 266 2.03 22.95 -4.15
C SER B 266 1.52 21.51 -4.03
N PRO B 267 0.23 21.27 -4.32
CA PRO B 267 -0.37 19.92 -4.24
C PRO B 267 0.36 18.85 -5.06
N GLN B 268 0.90 19.24 -6.22
CA GLN B 268 1.62 18.32 -7.09
C GLN B 268 2.90 17.76 -6.44
N ASP B 269 3.43 18.46 -5.43
CA ASP B 269 4.66 18.02 -4.74
C ASP B 269 4.41 17.29 -3.42
N ARG B 270 3.15 17.10 -3.05
CA ARG B 270 2.83 16.27 -1.89
C ARG B 270 2.80 14.82 -2.34
N PRO B 271 3.29 13.90 -1.51
CA PRO B 271 3.36 12.49 -1.91
C PRO B 271 1.97 11.87 -1.95
N SER B 272 1.84 10.79 -2.70
CA SER B 272 0.58 10.09 -2.77
C SER B 272 0.46 9.21 -1.54
N PHE B 273 -0.77 8.83 -1.21
CA PHE B 273 -0.99 7.83 -0.15
C PHE B 273 -0.26 6.56 -0.53
N SER B 274 -0.41 6.18 -1.80
CA SER B 274 0.30 5.04 -2.39
C SER B 274 1.80 5.08 -2.12
N ALA B 275 2.36 6.28 -2.07
CA ALA B 275 3.78 6.47 -1.75
C ALA B 275 4.03 6.50 -0.25
N LEU B 276 3.11 7.11 0.50
CA LEU B 276 3.26 7.22 1.97
C LEU B 276 3.22 5.85 2.65
N GLY B 277 2.19 5.07 2.35
CA GLY B 277 2.02 3.74 2.96
C GLY B 277 3.31 2.97 3.18
N PRO B 278 4.01 2.61 2.10
CA PRO B 278 5.26 1.86 2.20
C PRO B 278 6.27 2.49 3.15
N GLN B 279 6.34 3.81 3.18
CA GLN B 279 7.29 4.52 4.04
C GLN B 279 6.89 4.51 5.50
N LEU B 280 5.58 4.59 5.75
CA LEU B 280 5.05 4.47 7.10
C LEU B 280 5.29 3.08 7.68
N ASP B 281 5.18 2.07 6.83
CA ASP B 281 5.22 0.69 7.29
C ASP B 281 6.63 0.21 7.60
N MET B 282 7.63 0.95 7.13
CA MET B 282 9.03 0.58 7.31
C MET B 282 9.70 1.38 8.41
N LEU B 283 8.90 1.83 9.38
CA LEU B 283 9.42 2.51 10.57
C LEU B 283 8.99 1.78 11.84
#